data_3H5O
#
_entry.id   3H5O
#
_cell.length_a   55.365
_cell.length_b   67.882
_cell.length_c   90.362
_cell.angle_alpha   90.00
_cell.angle_beta   92.43
_cell.angle_gamma   90.00
#
_symmetry.space_group_name_H-M   'P 1 21 1'
#
loop_
_entity.id
_entity.type
_entity.pdbx_description
1 polymer 'Transcriptional regulator GntR'
2 non-polymer 'SULFATE ION'
3 water water
#
_entity_poly.entity_id   1
_entity_poly.type   'polypeptide(L)'
_entity_poly.pdbx_seq_one_letter_code
;(MSE)SLGVT(MSE)HDVAKAAGVSAITVSRVLNQPQQVSEQLREKV(MSE)QAVDALAYVPSRSASTLASAKSRTVLVL
IPSLANTVFLETLTGIETVLDAAGYQ(MSE)LIGNSHYDAGQELQLLRAYLQHRPDGVLITGLSHAEPFERILSQHALPV
VY(MSE)(MSE)DLADDGRCCVGFSQEDAGAAITRHLLSRGKRRIGFLGAQLDERV(MSE)KRLDGYRAALDAADCRDAG
LEWLDPQPSS(MSE)Q(MSE)GAD(MSE)LDRALAERPDCDALFCCNDDLAIGALARSQQLGIAVPERLAIAGFNDLQPA
AWCTPPLTTVATPRRDIGVHAAKALLQLIDGEEPASRRADLGFRL(MSE)LRRSSEGHHHHHH
;
_entity_poly.pdbx_strand_id   A,B
#
loop_
_chem_comp.id
_chem_comp.type
_chem_comp.name
_chem_comp.formula
SO4 non-polymer 'SULFATE ION' 'O4 S -2'
#
# COMPACT_ATOMS: atom_id res chain seq x y z
N ARG A 63 8.50 -5.03 26.01
CA ARG A 63 9.19 -5.20 24.74
C ARG A 63 8.25 -5.20 23.53
N THR A 64 7.04 -5.74 23.68
CA THR A 64 6.14 -5.89 22.53
C THR A 64 4.77 -5.23 22.68
N VAL A 65 4.29 -4.68 21.56
CA VAL A 65 2.95 -4.10 21.47
C VAL A 65 2.20 -4.74 20.31
N LEU A 66 0.92 -5.05 20.53
CA LEU A 66 0.07 -5.57 19.47
C LEU A 66 -0.68 -4.41 18.79
N VAL A 67 -0.62 -4.38 17.47
CA VAL A 67 -1.35 -3.37 16.69
C VAL A 67 -2.41 -4.05 15.82
N LEU A 68 -3.68 -3.70 16.02
CA LEU A 68 -4.76 -4.27 15.23
C LEU A 68 -5.35 -3.31 14.20
N ILE A 69 -5.27 -3.69 12.93
CA ILE A 69 -5.78 -2.87 11.83
C ILE A 69 -6.69 -3.70 10.94
N PRO A 70 -7.68 -3.04 10.32
CA PRO A 70 -8.69 -3.76 9.51
C PRO A 70 -8.21 -4.12 8.11
N SER A 71 -7.03 -3.67 7.71
CA SER A 71 -6.60 -3.85 6.32
C SER A 71 -5.14 -3.48 6.07
N LEU A 72 -4.53 -4.17 5.11
CA LEU A 72 -3.18 -3.87 4.68
C LEU A 72 -3.25 -3.45 3.22
N ALA A 73 -4.08 -4.16 2.47
CA ALA A 73 -4.15 -4.01 1.02
C ALA A 73 -4.58 -2.62 0.59
N ASN A 74 -5.55 -2.03 1.28
CA ASN A 74 -6.06 -0.73 0.87
C ASN A 74 -5.09 0.42 1.18
N THR A 75 -3.97 0.08 1.84
CA THR A 75 -2.89 1.02 2.17
C THR A 75 -3.23 2.14 3.16
N VAL A 76 -4.49 2.27 3.56
CA VAL A 76 -4.90 3.35 4.45
C VAL A 76 -4.05 3.42 5.72
N PHE A 77 -3.68 2.25 6.26
CA PHE A 77 -3.06 2.21 7.57
C PHE A 77 -1.55 2.03 7.58
N LEU A 78 -0.94 1.97 6.39
CA LEU A 78 0.50 1.91 6.28
C LEU A 78 1.19 3.14 6.91
N GLU A 79 0.66 4.33 6.67
CA GLU A 79 1.17 5.54 7.32
C GLU A 79 1.15 5.34 8.83
N THR A 80 0.08 4.70 9.31
CA THR A 80 -0.14 4.54 10.73
C THR A 80 0.85 3.56 11.36
N LEU A 81 1.11 2.46 10.66
CA LEU A 81 2.09 1.50 11.14
C LEU A 81 3.45 2.17 11.23
N THR A 82 3.78 2.97 10.22
CA THR A 82 5.08 3.63 10.15
C THR A 82 5.29 4.63 11.30
N GLY A 83 4.22 5.31 11.70
CA GLY A 83 4.29 6.24 12.82
C GLY A 83 4.48 5.54 14.16
N ILE A 84 3.73 4.46 14.37
CA ILE A 84 3.87 3.68 15.60
C ILE A 84 5.30 3.18 15.74
N GLU A 85 5.78 2.49 14.71
CA GLU A 85 7.16 1.98 14.69
C GLU A 85 8.19 3.04 15.07
N THR A 86 8.03 4.24 14.54
CA THR A 86 8.93 5.36 14.87
C THR A 86 9.03 5.56 16.38
N VAL A 87 7.90 5.38 17.07
CA VAL A 87 7.86 5.52 18.53
C VAL A 87 8.29 4.24 19.24
N LEU A 88 7.86 3.09 18.72
CA LEU A 88 8.19 1.80 19.34
C LEU A 88 9.66 1.44 19.21
N ASP A 89 10.25 1.74 18.05
CA ASP A 89 11.67 1.49 17.82
C ASP A 89 12.52 2.37 18.73
N ALA A 90 12.12 3.62 18.87
CA ALA A 90 12.85 4.56 19.72
C ALA A 90 12.78 4.15 21.20
N ALA A 91 11.82 3.30 21.54
CA ALA A 91 11.64 2.87 22.93
C ALA A 91 11.92 1.38 23.09
N GLY A 92 12.33 0.74 22.01
CA GLY A 92 12.80 -0.64 22.07
C GLY A 92 11.72 -1.70 22.03
N TYR A 93 10.50 -1.30 21.68
CA TYR A 93 9.43 -2.28 21.56
C TYR A 93 9.38 -2.95 20.18
N GLN A 94 8.86 -4.18 20.17
CA GLN A 94 8.60 -4.93 18.96
C GLN A 94 7.14 -4.73 18.58
N MSE A 95 6.88 -4.56 17.28
CA MSE A 95 5.52 -4.39 16.80
C MSE A 95 4.97 -5.67 16.18
O MSE A 95 5.54 -6.20 15.23
CB MSE A 95 5.45 -3.25 15.79
CG MSE A 95 4.03 -2.82 15.43
SE MSE A 95 3.98 -1.32 14.17
CE MSE A 95 4.18 -2.32 12.51
N LEU A 96 3.85 -6.14 16.71
CA LEU A 96 3.16 -7.28 16.13
C LEU A 96 1.95 -6.75 15.38
N ILE A 97 1.65 -7.34 14.22
CA ILE A 97 0.55 -6.85 13.40
C ILE A 97 -0.58 -7.86 13.21
N GLY A 98 -1.79 -7.47 13.61
CA GLY A 98 -2.98 -8.26 13.35
C GLY A 98 -3.89 -7.58 12.33
N ASN A 99 -4.14 -8.27 11.23
CA ASN A 99 -4.99 -7.78 10.15
C ASN A 99 -6.38 -8.43 10.20
N SER A 100 -7.38 -7.70 10.69
CA SER A 100 -8.71 -8.26 10.89
C SER A 100 -9.60 -8.32 9.66
N HIS A 101 -9.16 -7.76 8.54
CA HIS A 101 -9.97 -7.72 7.32
C HIS A 101 -11.39 -7.17 7.58
N TYR A 102 -11.49 -6.13 8.38
CA TYR A 102 -12.78 -5.52 8.70
C TYR A 102 -13.81 -6.48 9.31
N ASP A 103 -13.30 -7.55 9.92
CA ASP A 103 -14.14 -8.57 10.53
C ASP A 103 -13.92 -8.60 12.04
N ALA A 104 -14.99 -8.43 12.80
CA ALA A 104 -14.89 -8.41 14.27
C ALA A 104 -14.59 -9.80 14.83
N GLY A 105 -15.05 -10.82 14.13
CA GLY A 105 -14.76 -12.19 14.50
C GLY A 105 -13.28 -12.51 14.44
N GLN A 106 -12.64 -12.16 13.33
CA GLN A 106 -11.20 -12.39 13.21
C GLN A 106 -10.42 -11.43 14.12
N GLU A 107 -10.97 -10.25 14.37
CA GLU A 107 -10.31 -9.33 15.29
C GLU A 107 -10.17 -10.03 16.62
N LEU A 108 -11.25 -10.65 17.07
CA LEU A 108 -11.26 -11.43 18.30
C LEU A 108 -10.21 -12.54 18.25
N GLN A 109 -10.31 -13.40 17.24
CA GLN A 109 -9.39 -14.54 17.10
C GLN A 109 -7.94 -14.12 17.12
N LEU A 110 -7.67 -12.88 16.70
CA LEU A 110 -6.31 -12.35 16.66
C LEU A 110 -5.84 -11.93 18.04
N LEU A 111 -6.73 -11.33 18.82
CA LEU A 111 -6.40 -10.97 20.19
C LEU A 111 -6.10 -12.26 20.97
N ARG A 112 -7.03 -13.21 20.91
CA ARG A 112 -6.82 -14.49 21.57
C ARG A 112 -5.48 -15.09 21.16
N ALA A 113 -5.30 -15.30 19.87
CA ALA A 113 -4.09 -15.93 19.36
C ALA A 113 -2.84 -15.16 19.77
N TYR A 114 -2.89 -13.83 19.69
CA TYR A 114 -1.70 -13.02 19.98
C TYR A 114 -1.39 -12.91 21.48
N LEU A 115 -2.29 -13.46 22.30
CA LEU A 115 -2.05 -13.50 23.74
C LEU A 115 -0.73 -14.22 24.05
N GLN A 116 -0.50 -15.35 23.38
CA GLN A 116 0.68 -16.16 23.65
C GLN A 116 1.99 -15.41 23.37
N HIS A 117 1.89 -14.18 22.87
CA HIS A 117 3.09 -13.37 22.62
C HIS A 117 3.36 -12.36 23.72
N ARG A 118 2.48 -12.35 24.71
CA ARG A 118 2.69 -11.55 25.91
C ARG A 118 2.91 -10.08 25.55
N PRO A 119 1.97 -9.48 24.81
CA PRO A 119 2.05 -8.06 24.48
C PRO A 119 1.83 -7.21 25.72
N ASP A 120 2.60 -6.14 25.86
CA ASP A 120 2.49 -5.26 27.02
C ASP A 120 1.34 -4.26 26.87
N GLY A 121 0.91 -4.02 25.63
CA GLY A 121 -0.15 -3.07 25.34
C GLY A 121 -0.75 -3.30 23.96
N VAL A 122 -1.92 -2.73 23.72
CA VAL A 122 -2.59 -2.92 22.43
C VAL A 122 -3.04 -1.62 21.77
N LEU A 123 -2.72 -1.46 20.49
CA LEU A 123 -3.24 -0.37 19.69
C LEU A 123 -4.35 -0.88 18.77
N ILE A 124 -5.57 -0.37 18.96
CA ILE A 124 -6.76 -0.89 18.31
C ILE A 124 -7.39 0.14 17.36
N THR A 125 -7.72 -0.29 16.15
CA THR A 125 -8.41 0.57 15.20
C THR A 125 -9.90 0.52 15.41
N GLY A 126 -10.53 1.68 15.57
CA GLY A 126 -11.97 1.77 15.63
C GLY A 126 -12.53 1.51 17.00
N LEU A 127 -13.79 1.85 17.21
CA LEU A 127 -14.42 1.76 18.52
C LEU A 127 -15.41 0.60 18.62
N SER A 128 -15.85 0.12 17.46
CA SER A 128 -16.77 -1.01 17.39
C SER A 128 -16.03 -2.36 17.44
N HIS A 129 -16.34 -3.20 18.42
CA HIS A 129 -15.67 -4.48 18.56
C HIS A 129 -16.60 -5.60 19.03
N ALA A 130 -16.21 -6.84 18.75
CA ALA A 130 -17.00 -8.01 19.10
C ALA A 130 -17.35 -8.06 20.58
N GLU A 131 -18.45 -8.73 20.92
CA GLU A 131 -18.94 -8.76 22.30
C GLU A 131 -17.85 -8.99 23.36
N PRO A 132 -17.23 -10.19 23.38
CA PRO A 132 -16.30 -10.49 24.48
C PRO A 132 -15.00 -9.70 24.43
N PHE A 133 -14.76 -8.99 23.33
CA PHE A 133 -13.49 -8.31 23.09
C PHE A 133 -13.02 -7.48 24.29
N GLU A 134 -13.88 -6.59 24.76
CA GLU A 134 -13.55 -5.71 25.86
C GLU A 134 -13.24 -6.50 27.14
N ARG A 135 -13.93 -7.62 27.34
CA ARG A 135 -13.73 -8.47 28.51
C ARG A 135 -12.32 -9.02 28.58
N ILE A 136 -11.85 -9.60 27.48
CA ILE A 136 -10.51 -10.15 27.43
C ILE A 136 -9.46 -9.09 27.77
N LEU A 137 -9.63 -7.89 27.21
CA LEU A 137 -8.68 -6.81 27.47
C LEU A 137 -8.57 -6.51 28.95
N SER A 138 -9.71 -6.42 29.63
CA SER A 138 -9.71 -6.10 31.06
C SER A 138 -9.28 -7.29 31.92
N GLN A 139 -9.75 -8.49 31.58
CA GLN A 139 -9.38 -9.69 32.33
C GLN A 139 -7.87 -9.89 32.34
N HIS A 140 -7.21 -9.43 31.30
CA HIS A 140 -5.76 -9.49 31.22
C HIS A 140 -5.11 -8.14 31.52
N ALA A 141 -5.91 -7.21 32.00
CA ALA A 141 -5.43 -5.88 32.39
C ALA A 141 -4.51 -5.25 31.34
N LEU A 142 -4.84 -5.45 30.07
CA LEU A 142 -4.06 -4.91 28.96
C LEU A 142 -4.39 -3.44 28.67
N PRO A 143 -3.38 -2.57 28.76
CA PRO A 143 -3.51 -1.15 28.39
C PRO A 143 -3.83 -1.02 26.90
N VAL A 144 -4.70 -0.09 26.53
CA VAL A 144 -5.10 0.06 25.13
C VAL A 144 -5.30 1.50 24.72
N VAL A 145 -4.88 1.82 23.50
CA VAL A 145 -5.23 3.09 22.87
C VAL A 145 -5.97 2.80 21.56
N TYR A 146 -7.07 3.52 21.33
CA TYR A 146 -7.92 3.30 20.16
C TYR A 146 -7.65 4.34 19.08
N MSE A 147 -7.68 3.92 17.82
CA MSE A 147 -7.26 4.78 16.72
C MSE A 147 -8.34 5.08 15.68
O MSE A 147 -9.24 4.27 15.47
CB MSE A 147 -6.02 4.21 16.04
CG MSE A 147 -4.84 4.06 16.98
SE MSE A 147 -3.29 3.29 16.08
CE MSE A 147 -4.15 1.75 15.23
N MSE A 148 -8.20 6.24 15.05
CA MSE A 148 -9.03 6.65 13.91
C MSE A 148 -10.36 7.34 14.28
O MSE A 148 -10.92 8.09 13.48
CB MSE A 148 -9.25 5.49 12.93
CG MSE A 148 -7.94 5.02 12.27
SE MSE A 148 -7.19 6.45 11.16
CE MSE A 148 -5.30 6.05 11.31
N ASP A 149 -10.84 7.06 15.48
CA ASP A 149 -12.13 7.57 15.95
C ASP A 149 -11.97 8.25 17.30
N LEU A 150 -13.04 8.87 17.78
CA LEU A 150 -13.03 9.51 19.09
C LEU A 150 -14.14 8.92 19.93
N ALA A 151 -13.75 8.30 21.04
CA ALA A 151 -14.71 7.72 21.96
C ALA A 151 -15.22 8.81 22.89
N ASP A 152 -16.46 8.67 23.33
CA ASP A 152 -17.02 9.63 24.28
C ASP A 152 -17.41 8.92 25.58
N ASP A 153 -16.56 7.98 26.00
CA ASP A 153 -16.84 7.16 27.17
C ASP A 153 -15.58 6.80 27.94
N GLY A 154 -14.58 7.68 27.88
CA GLY A 154 -13.37 7.49 28.67
C GLY A 154 -12.23 6.74 27.99
N ARG A 155 -12.56 5.81 27.09
CA ARG A 155 -11.52 5.06 26.38
C ARG A 155 -10.47 6.00 25.82
N CYS A 156 -9.21 5.59 25.89
CA CYS A 156 -8.13 6.41 25.36
C CYS A 156 -8.06 6.25 23.85
N CYS A 157 -7.99 7.38 23.14
CA CYS A 157 -8.10 7.36 21.69
C CYS A 157 -7.41 8.54 20.99
N VAL A 158 -6.98 8.30 19.75
CA VAL A 158 -6.49 9.36 18.90
C VAL A 158 -7.21 9.25 17.56
N GLY A 159 -7.67 10.38 17.03
CA GLY A 159 -8.39 10.35 15.77
C GLY A 159 -8.84 11.71 15.30
N PHE A 160 -10.03 11.75 14.72
CA PHE A 160 -10.59 12.99 14.22
C PHE A 160 -12.04 12.73 13.92
N SER A 161 -12.75 13.78 13.52
CA SER A 161 -14.16 13.69 13.22
C SER A 161 -14.42 13.27 11.78
N GLN A 162 -14.73 11.99 11.60
CA GLN A 162 -15.14 11.47 10.31
C GLN A 162 -16.23 12.33 9.71
N GLU A 163 -17.22 12.72 10.52
CA GLU A 163 -18.37 13.47 10.03
C GLU A 163 -18.01 14.90 9.57
N ASP A 164 -17.23 15.60 10.38
CA ASP A 164 -16.79 16.95 10.03
C ASP A 164 -16.02 16.89 8.71
N ALA A 165 -15.13 15.90 8.62
CA ALA A 165 -14.37 15.69 7.39
C ALA A 165 -15.31 15.55 6.20
N GLY A 166 -16.26 14.62 6.29
CA GLY A 166 -17.24 14.41 5.24
C GLY A 166 -18.10 15.62 4.89
N ALA A 167 -18.49 16.40 5.89
CA ALA A 167 -19.27 17.62 5.62
C ALA A 167 -18.38 18.67 4.98
N ALA A 168 -17.10 18.69 5.37
CA ALA A 168 -16.16 19.69 4.85
C ALA A 168 -15.88 19.48 3.35
N ILE A 169 -15.52 18.25 2.96
CA ILE A 169 -15.28 17.99 1.54
C ILE A 169 -16.54 18.22 0.70
N THR A 170 -17.70 17.85 1.24
CA THR A 170 -18.95 18.08 0.54
C THR A 170 -19.20 19.58 0.37
N ARG A 171 -19.02 20.36 1.44
CA ARG A 171 -19.17 21.80 1.34
C ARG A 171 -18.21 22.40 0.31
N HIS A 172 -17.00 21.85 0.21
CA HIS A 172 -16.12 22.30 -0.85
C HIS A 172 -16.73 22.07 -2.23
N LEU A 173 -17.35 20.91 -2.44
CA LEU A 173 -17.95 20.64 -3.74
C LEU A 173 -19.08 21.63 -4.04
N LEU A 174 -19.92 21.88 -3.04
CA LEU A 174 -20.96 22.89 -3.15
C LEU A 174 -20.39 24.28 -3.50
N SER A 175 -19.28 24.62 -2.84
CA SER A 175 -18.60 25.88 -3.11
C SER A 175 -18.16 25.98 -4.58
N ARG A 176 -17.99 24.83 -5.24
CA ARG A 176 -17.58 24.82 -6.64
C ARG A 176 -18.75 24.91 -7.62
N GLY A 177 -19.94 25.10 -7.07
CA GLY A 177 -21.12 25.29 -7.91
C GLY A 177 -21.81 23.98 -8.25
N LYS A 178 -21.43 22.89 -7.56
CA LYS A 178 -22.06 21.60 -7.81
C LYS A 178 -23.27 21.42 -6.89
N ARG A 179 -24.35 20.87 -7.45
CA ARG A 179 -25.63 20.77 -6.72
C ARG A 179 -26.23 19.38 -6.77
N ARG A 180 -25.66 18.50 -7.58
CA ARG A 180 -26.10 17.10 -7.60
C ARG A 180 -24.92 16.19 -7.29
N ILE A 181 -24.54 16.22 -6.02
CA ILE A 181 -23.36 15.56 -5.51
C ILE A 181 -23.68 14.15 -4.98
N GLY A 182 -23.08 13.14 -5.62
CA GLY A 182 -23.26 11.76 -5.24
C GLY A 182 -22.27 11.34 -4.18
N PHE A 183 -22.53 10.20 -3.56
CA PHE A 183 -21.62 9.61 -2.60
C PHE A 183 -21.30 8.17 -3.02
N LEU A 184 -20.01 7.86 -3.10
CA LEU A 184 -19.58 6.50 -3.39
C LEU A 184 -19.09 5.82 -2.12
N GLY A 185 -19.85 4.83 -1.65
CA GLY A 185 -19.46 4.07 -0.47
C GLY A 185 -19.14 2.60 -0.74
N ALA A 186 -18.06 2.13 -0.13
CA ALA A 186 -17.65 0.74 -0.25
C ALA A 186 -17.24 0.26 1.13
N GLN A 187 -17.35 -1.05 1.35
CA GLN A 187 -16.98 -1.67 2.64
C GLN A 187 -18.03 -1.39 3.73
N LEU A 188 -18.36 -0.12 3.94
CA LEU A 188 -19.49 0.26 4.80
C LEU A 188 -19.27 0.03 6.29
N ASP A 189 -18.02 0.01 6.71
CA ASP A 189 -17.68 0.06 8.13
C ASP A 189 -18.18 1.37 8.79
N GLU A 190 -17.93 1.49 10.08
CA GLU A 190 -18.48 2.56 10.90
C GLU A 190 -18.03 3.96 10.47
N ARG A 191 -16.76 4.11 10.09
CA ARG A 191 -16.21 5.39 9.70
C ARG A 191 -16.74 5.89 8.35
N VAL A 192 -16.92 4.96 7.41
CA VAL A 192 -17.51 5.28 6.11
C VAL A 192 -18.89 5.91 6.32
N MSE A 193 -19.70 5.31 7.19
CA MSE A 193 -21.07 5.80 7.46
C MSE A 193 -21.07 7.15 8.20
O MSE A 193 -21.94 7.98 7.96
CB MSE A 193 -21.89 4.76 8.22
CG MSE A 193 -21.84 3.36 7.64
SE MSE A 193 -22.63 3.22 5.84
CE MSE A 193 -24.50 3.66 6.27
N LYS A 194 -20.10 7.36 9.08
CA LYS A 194 -19.92 8.70 9.66
C LYS A 194 -19.56 9.74 8.59
N ARG A 195 -18.67 9.35 7.68
CA ARG A 195 -18.37 10.17 6.50
C ARG A 195 -19.65 10.52 5.77
N LEU A 196 -20.50 9.51 5.59
CA LEU A 196 -21.79 9.67 4.93
C LEU A 196 -22.70 10.65 5.66
N ASP A 197 -22.70 10.59 7.00
CA ASP A 197 -23.55 11.48 7.80
C ASP A 197 -23.16 12.95 7.57
N GLY A 198 -21.86 13.21 7.44
CA GLY A 198 -21.37 14.56 7.20
C GLY A 198 -21.79 15.07 5.84
N TYR A 199 -21.54 14.27 4.81
CA TYR A 199 -21.99 14.58 3.46
C TYR A 199 -23.48 14.88 3.43
N ARG A 200 -24.27 14.09 4.15
CA ARG A 200 -25.72 14.30 4.25
C ARG A 200 -26.09 15.60 4.98
N ALA A 201 -25.39 15.88 6.07
CA ALA A 201 -25.67 17.06 6.87
C ALA A 201 -25.32 18.32 6.08
N ALA A 202 -24.27 18.24 5.26
CA ALA A 202 -23.91 19.37 4.40
C ALA A 202 -24.98 19.58 3.34
N LEU A 203 -25.49 18.49 2.76
CA LEU A 203 -26.46 18.60 1.69
C LEU A 203 -27.83 19.06 2.22
N ASP A 204 -28.20 18.58 3.41
CA ASP A 204 -29.44 19.01 4.05
C ASP A 204 -29.48 20.53 4.24
N ALA A 205 -28.37 21.13 4.67
CA ALA A 205 -28.32 22.57 4.87
C ALA A 205 -28.60 23.31 3.56
N ALA A 206 -28.19 22.71 2.45
CA ALA A 206 -28.38 23.32 1.13
C ALA A 206 -29.62 22.81 0.42
N ASP A 207 -30.44 22.04 1.14
CA ASP A 207 -31.58 21.36 0.52
C ASP A 207 -31.19 20.68 -0.81
N CYS A 208 -30.09 19.92 -0.77
CA CYS A 208 -29.56 19.26 -1.97
C CYS A 208 -29.48 17.73 -1.79
N ARG A 209 -30.02 17.24 -0.68
CA ARG A 209 -29.96 15.81 -0.39
C ARG A 209 -30.84 14.97 -1.32
N ASP A 210 -30.39 13.76 -1.64
CA ASP A 210 -31.12 12.91 -2.57
C ASP A 210 -30.63 11.45 -2.44
N ALA A 211 -31.52 10.59 -1.99
CA ALA A 211 -31.24 9.16 -1.87
C ALA A 211 -30.77 8.60 -3.21
N GLY A 212 -31.29 9.13 -4.30
CA GLY A 212 -30.91 8.69 -5.63
C GLY A 212 -29.45 8.97 -5.97
N LEU A 213 -28.75 9.70 -5.10
CA LEU A 213 -27.35 10.06 -5.35
C LEU A 213 -26.39 9.43 -4.36
N GLU A 214 -26.89 8.50 -3.55
CA GLU A 214 -26.03 7.73 -2.65
C GLU A 214 -25.90 6.29 -3.14
N TRP A 215 -24.67 5.80 -3.16
CA TRP A 215 -24.39 4.45 -3.62
C TRP A 215 -23.49 3.78 -2.60
N LEU A 216 -24.06 2.84 -1.86
CA LEU A 216 -23.32 2.08 -0.87
C LEU A 216 -23.23 0.61 -1.29
N ASP A 217 -22.00 0.14 -1.51
CA ASP A 217 -21.76 -1.23 -1.91
C ASP A 217 -20.92 -1.91 -0.84
N PRO A 218 -21.32 -3.12 -0.42
CA PRO A 218 -20.69 -3.85 0.69
C PRO A 218 -19.29 -4.39 0.40
N GLN A 219 -18.93 -4.64 -0.86
CA GLN A 219 -17.59 -5.21 -1.09
C GLN A 219 -16.44 -4.25 -0.78
N PRO A 220 -15.23 -4.82 -0.62
CA PRO A 220 -14.03 -4.04 -0.33
C PRO A 220 -13.75 -3.06 -1.46
N SER A 221 -13.18 -1.91 -1.11
CA SER A 221 -12.91 -0.89 -2.11
C SER A 221 -11.79 -1.32 -3.03
N SER A 222 -11.83 -0.79 -4.25
CA SER A 222 -10.72 -0.90 -5.18
C SER A 222 -10.90 0.14 -6.28
N MSE A 223 -9.90 0.30 -7.12
CA MSE A 223 -9.98 1.25 -8.22
C MSE A 223 -10.95 0.76 -9.29
O MSE A 223 -11.76 1.54 -9.80
CB MSE A 223 -8.58 1.53 -8.77
CG MSE A 223 -7.69 2.22 -7.76
SE MSE A 223 -5.82 2.48 -8.32
CE MSE A 223 -5.18 3.40 -6.72
N GLN A 224 -10.89 -0.54 -9.62
CA GLN A 224 -11.86 -1.14 -10.55
C GLN A 224 -13.27 -0.86 -10.08
N MSE A 225 -13.52 -1.02 -8.79
CA MSE A 225 -14.85 -0.75 -8.28
C MSE A 225 -15.27 0.73 -8.40
O MSE A 225 -16.45 1.02 -8.60
CB MSE A 225 -14.98 -1.18 -6.82
CG MSE A 225 -16.41 -1.09 -6.34
SE MSE A 225 -16.61 -1.72 -4.53
CE MSE A 225 -15.11 -0.82 -3.78
N GLY A 226 -14.30 1.65 -8.29
CA GLY A 226 -14.58 3.06 -8.49
C GLY A 226 -15.06 3.32 -9.90
N ALA A 227 -14.39 2.72 -10.88
CA ALA A 227 -14.81 2.82 -12.27
C ALA A 227 -16.20 2.22 -12.51
N ASP A 228 -16.45 1.05 -11.92
CA ASP A 228 -17.77 0.39 -12.05
C ASP A 228 -18.89 1.23 -11.42
N MSE A 229 -18.63 1.78 -10.24
CA MSE A 229 -19.64 2.60 -9.56
C MSE A 229 -19.95 3.88 -10.34
O MSE A 229 -21.10 4.35 -10.37
CB MSE A 229 -19.19 2.93 -8.12
CG MSE A 229 -19.13 1.68 -7.22
SE MSE A 229 -18.67 2.04 -5.34
CE MSE A 229 -20.40 2.69 -4.69
N LEU A 230 -18.92 4.42 -10.99
CA LEU A 230 -19.06 5.57 -11.86
C LEU A 230 -20.01 5.24 -13.01
N ASP A 231 -19.75 4.13 -13.70
CA ASP A 231 -20.65 3.66 -14.77
C ASP A 231 -22.11 3.62 -14.32
N ARG A 232 -22.37 2.94 -13.20
CA ARG A 232 -23.72 2.84 -12.64
C ARG A 232 -24.34 4.22 -12.31
N ALA A 233 -23.58 5.06 -11.59
CA ALA A 233 -24.07 6.39 -11.20
C ALA A 233 -24.45 7.27 -12.39
N LEU A 234 -23.57 7.34 -13.37
CA LEU A 234 -23.85 8.16 -14.56
C LEU A 234 -24.92 7.59 -15.50
N ALA A 235 -25.22 6.29 -15.40
CA ALA A 235 -26.33 5.73 -16.16
C ALA A 235 -27.65 6.07 -15.45
N GLU A 236 -27.69 5.78 -14.16
CA GLU A 236 -28.87 6.10 -13.37
C GLU A 236 -29.12 7.61 -13.36
N ARG A 237 -28.06 8.39 -13.13
CA ARG A 237 -28.21 9.84 -12.93
C ARG A 237 -27.15 10.62 -13.73
N PRO A 238 -27.38 10.77 -15.03
CA PRO A 238 -26.42 11.45 -15.92
C PRO A 238 -26.22 12.90 -15.47
N ASP A 239 -27.15 13.42 -14.66
CA ASP A 239 -27.12 14.80 -14.19
C ASP A 239 -26.21 15.01 -12.98
N CYS A 240 -25.68 13.93 -12.41
CA CYS A 240 -24.76 14.01 -11.27
C CYS A 240 -23.57 14.88 -11.64
N ASP A 241 -23.26 15.89 -10.82
CA ASP A 241 -22.20 16.84 -11.20
C ASP A 241 -20.99 16.82 -10.30
N ALA A 242 -21.02 15.97 -9.28
CA ALA A 242 -19.84 15.75 -8.44
C ALA A 242 -20.01 14.42 -7.73
N LEU A 243 -18.87 13.78 -7.41
CA LEU A 243 -18.86 12.61 -6.56
C LEU A 243 -17.89 12.82 -5.40
N PHE A 244 -18.37 12.59 -4.19
CA PHE A 244 -17.49 12.40 -3.03
C PHE A 244 -17.36 10.89 -2.76
N CYS A 245 -16.16 10.35 -2.98
CA CYS A 245 -15.89 8.94 -2.75
C CYS A 245 -15.27 8.72 -1.38
N CYS A 246 -15.70 7.68 -0.69
CA CYS A 246 -15.34 7.47 0.72
C CYS A 246 -13.87 7.09 0.93
N ASN A 247 -13.15 6.83 -0.15
CA ASN A 247 -11.73 6.46 -0.10
C ASN A 247 -11.10 6.77 -1.45
N ASP A 248 -9.80 7.06 -1.46
CA ASP A 248 -9.13 7.49 -2.70
C ASP A 248 -9.08 6.43 -3.81
N ASP A 249 -9.00 5.15 -3.44
CA ASP A 249 -8.92 4.12 -4.48
C ASP A 249 -10.14 4.22 -5.40
N LEU A 250 -11.32 4.32 -4.80
CA LEU A 250 -12.56 4.54 -5.57
C LEU A 250 -12.50 5.81 -6.43
N ALA A 251 -12.01 6.91 -5.86
CA ALA A 251 -11.96 8.18 -6.56
C ALA A 251 -11.01 8.09 -7.74
N ILE A 252 -9.89 7.42 -7.52
CA ILE A 252 -8.89 7.26 -8.57
C ILE A 252 -9.46 6.47 -9.76
N GLY A 253 -10.19 5.40 -9.46
CA GLY A 253 -10.85 4.62 -10.49
C GLY A 253 -11.93 5.37 -11.22
N ALA A 254 -12.77 6.08 -10.47
CA ALA A 254 -13.81 6.89 -11.08
C ALA A 254 -13.24 8.01 -11.95
N LEU A 255 -12.17 8.66 -11.48
CA LEU A 255 -11.51 9.70 -12.27
C LEU A 255 -10.92 9.14 -13.57
N ALA A 256 -10.13 8.07 -13.49
CA ALA A 256 -9.57 7.49 -14.72
C ALA A 256 -10.68 7.04 -15.67
N ARG A 257 -11.75 6.49 -15.12
CA ARG A 257 -12.86 6.04 -15.94
C ARG A 257 -13.54 7.23 -16.61
N SER A 258 -13.81 8.27 -15.84
CA SER A 258 -14.42 9.47 -16.39
C SER A 258 -13.60 10.04 -17.56
N GLN A 259 -12.28 10.08 -17.43
CA GLN A 259 -11.44 10.54 -18.53
C GLN A 259 -11.61 9.63 -19.76
N GLN A 260 -11.51 8.33 -19.52
CA GLN A 260 -11.74 7.35 -20.57
C GLN A 260 -13.07 7.58 -21.29
N LEU A 261 -14.09 8.02 -20.56
CA LEU A 261 -15.41 8.25 -21.16
C LEU A 261 -15.55 9.64 -21.78
N GLY A 262 -14.45 10.40 -21.81
CA GLY A 262 -14.49 11.75 -22.33
C GLY A 262 -15.30 12.75 -21.52
N ILE A 263 -15.40 12.55 -20.20
CA ILE A 263 -16.13 13.49 -19.35
C ILE A 263 -15.22 14.59 -18.83
N ALA A 264 -15.67 15.85 -18.94
CA ALA A 264 -14.85 16.99 -18.50
C ALA A 264 -14.87 17.13 -17.01
N VAL A 265 -13.68 17.14 -16.41
CA VAL A 265 -13.52 17.20 -14.96
C VAL A 265 -12.64 18.39 -14.64
N PRO A 266 -13.14 19.32 -13.80
CA PRO A 266 -14.40 19.29 -13.05
C PRO A 266 -15.59 19.92 -13.77
N GLU A 267 -15.43 20.38 -15.00
CA GLU A 267 -16.46 21.18 -15.65
C GLU A 267 -17.82 20.50 -15.64
N ARG A 268 -17.88 19.26 -16.10
CA ARG A 268 -19.14 18.54 -16.01
C ARG A 268 -19.25 17.83 -14.67
N LEU A 269 -18.14 17.22 -14.24
CA LEU A 269 -18.18 16.36 -13.06
C LEU A 269 -16.92 16.61 -12.27
N ALA A 270 -17.10 17.02 -11.02
CA ALA A 270 -16.01 17.15 -10.08
C ALA A 270 -15.89 15.85 -9.28
N ILE A 271 -14.66 15.50 -8.91
CA ILE A 271 -14.41 14.28 -8.13
C ILE A 271 -13.52 14.56 -6.92
N ALA A 272 -13.92 14.06 -5.76
CA ALA A 272 -13.11 14.17 -4.55
C ALA A 272 -13.05 12.81 -3.90
N GLY A 273 -11.94 12.52 -3.23
CA GLY A 273 -11.72 11.27 -2.54
C GLY A 273 -11.65 11.45 -1.03
N PHE A 274 -10.89 10.58 -0.37
CA PHE A 274 -10.76 10.66 1.08
C PHE A 274 -9.48 9.96 1.50
N ASN A 275 -8.78 10.58 2.47
CA ASN A 275 -7.55 10.08 3.08
C ASN A 275 -6.26 10.71 2.57
N ASP A 276 -6.25 11.07 1.29
CA ASP A 276 -5.02 11.51 0.66
C ASP A 276 -3.95 10.41 0.67
N LEU A 277 -4.31 9.24 0.15
CA LEU A 277 -3.33 8.18 -0.05
C LEU A 277 -2.30 8.67 -1.08
N GLN A 278 -1.10 8.09 -1.06
CA GLN A 278 0.00 8.53 -1.91
C GLN A 278 -0.40 8.85 -3.36
N PRO A 279 -1.15 7.96 -4.03
CA PRO A 279 -1.41 8.13 -5.46
C PRO A 279 -2.31 9.30 -5.82
N ALA A 280 -2.99 9.88 -4.82
CA ALA A 280 -3.96 10.94 -5.08
C ALA A 280 -3.32 12.16 -5.75
N ALA A 281 -2.22 12.63 -5.18
CA ALA A 281 -1.56 13.82 -5.72
C ALA A 281 -1.03 13.51 -7.11
N TRP A 282 -0.78 12.24 -7.38
CA TRP A 282 -0.11 11.83 -8.61
C TRP A 282 -1.06 11.24 -9.64
N CYS A 283 -2.28 11.76 -9.66
CA CYS A 283 -3.22 11.47 -10.74
C CYS A 283 -3.21 12.59 -11.74
N THR A 284 -3.78 12.32 -12.90
CA THR A 284 -4.02 13.35 -13.90
C THR A 284 -5.51 13.35 -14.25
N PRO A 285 -6.25 14.38 -13.83
CA PRO A 285 -5.77 15.54 -13.04
C PRO A 285 -5.52 15.16 -11.59
N PRO A 286 -4.67 15.91 -10.88
CA PRO A 286 -4.44 15.59 -9.46
C PRO A 286 -5.77 15.52 -8.69
N LEU A 287 -5.86 14.62 -7.71
CA LEU A 287 -7.14 14.28 -7.07
C LEU A 287 -7.42 15.07 -5.80
N THR A 288 -8.53 15.79 -5.79
CA THR A 288 -8.97 16.46 -4.56
C THR A 288 -9.39 15.39 -3.55
N THR A 289 -9.03 15.61 -2.29
CA THR A 289 -9.24 14.60 -1.25
C THR A 289 -9.12 15.24 0.14
N VAL A 290 -9.26 14.42 1.17
CA VAL A 290 -9.11 14.87 2.54
C VAL A 290 -7.90 14.20 3.14
N ALA A 291 -6.88 14.98 3.49
CA ALA A 291 -5.73 14.42 4.18
C ALA A 291 -6.13 14.10 5.61
N THR A 292 -6.04 12.82 5.96
CA THR A 292 -6.27 12.37 7.31
C THR A 292 -4.92 12.07 7.93
N PRO A 293 -4.71 12.44 9.20
CA PRO A 293 -3.37 12.41 9.82
C PRO A 293 -3.00 11.01 10.28
N ARG A 294 -3.15 10.03 9.40
CA ARG A 294 -3.00 8.62 9.76
C ARG A 294 -1.64 8.29 10.39
N ARG A 295 -0.57 8.92 9.91
CA ARG A 295 0.74 8.74 10.52
C ARG A 295 0.82 9.34 11.92
N ASP A 296 0.34 10.58 12.06
CA ASP A 296 0.37 11.27 13.35
C ASP A 296 -0.52 10.58 14.38
N ILE A 297 -1.54 9.88 13.90
CA ILE A 297 -2.39 9.08 14.76
C ILE A 297 -1.63 7.90 15.34
N GLY A 298 -0.79 7.27 14.52
CA GLY A 298 0.04 6.16 14.98
C GLY A 298 1.10 6.62 15.95
N VAL A 299 1.76 7.74 15.64
CA VAL A 299 2.74 8.35 16.53
C VAL A 299 2.13 8.69 17.90
N HIS A 300 1.08 9.50 17.89
CA HIS A 300 0.41 9.89 19.13
C HIS A 300 -0.13 8.68 19.89
N ALA A 301 -0.68 7.70 19.18
CA ALA A 301 -1.28 6.53 19.84
C ALA A 301 -0.22 5.70 20.56
N ALA A 302 0.94 5.56 19.94
CA ALA A 302 2.06 4.85 20.54
C ALA A 302 2.60 5.60 21.76
N LYS A 303 2.94 6.87 21.58
CA LYS A 303 3.40 7.71 22.68
C LYS A 303 2.51 7.55 23.90
N ALA A 304 1.20 7.61 23.68
CA ALA A 304 0.24 7.57 24.77
C ALA A 304 0.13 6.18 25.41
N LEU A 305 0.31 5.12 24.62
CA LEU A 305 0.23 3.77 25.16
C LEU A 305 1.46 3.45 26.02
N LEU A 306 2.62 3.86 25.55
CA LEU A 306 3.85 3.71 26.31
C LEU A 306 3.67 4.31 27.71
N GLN A 307 3.11 5.52 27.77
CA GLN A 307 2.89 6.17 29.05
C GLN A 307 1.90 5.42 29.91
N LEU A 308 0.88 4.85 29.29
CA LEU A 308 -0.14 4.09 30.01
C LEU A 308 0.49 2.83 30.60
N ILE A 309 1.40 2.22 29.83
CA ILE A 309 2.13 1.05 30.31
C ILE A 309 2.99 1.41 31.52
N ASP A 310 3.59 2.59 31.49
CA ASP A 310 4.38 3.08 32.62
C ASP A 310 3.48 3.80 33.62
N GLY A 311 2.24 3.35 33.70
CA GLY A 311 1.26 3.96 34.60
C GLY A 311 1.33 5.47 34.69
N GLU A 312 1.18 6.14 33.55
CA GLU A 312 1.21 7.60 33.53
C GLU A 312 -0.05 8.14 32.86
N GLU A 313 -0.23 9.47 32.93
CA GLU A 313 -1.37 10.11 32.27
C GLU A 313 -0.93 10.67 30.92
N PRO A 314 -1.49 10.10 29.84
CA PRO A 314 -1.15 10.57 28.49
C PRO A 314 -1.50 12.03 28.35
N ALA A 315 -0.88 12.72 27.39
CA ALA A 315 -1.18 14.13 27.14
C ALA A 315 -2.69 14.38 27.06
N SER A 316 -3.38 13.53 26.29
CA SER A 316 -4.84 13.59 26.19
C SER A 316 -5.43 12.19 26.21
N ARG A 317 -6.65 12.07 26.73
CA ARG A 317 -7.35 10.78 26.70
C ARG A 317 -8.19 10.71 25.42
N ARG A 318 -8.28 11.85 24.74
CA ARG A 318 -9.12 11.98 23.54
C ARG A 318 -8.53 13.02 22.59
N ALA A 319 -7.55 12.60 21.80
CA ALA A 319 -6.78 13.51 20.95
C ALA A 319 -7.34 13.67 19.53
N ASP A 320 -7.99 14.80 19.28
CA ASP A 320 -8.54 15.11 17.98
C ASP A 320 -7.47 15.82 17.15
N LEU A 321 -6.86 15.09 16.22
CA LEU A 321 -5.81 15.66 15.37
C LEU A 321 -6.32 16.37 14.11
N GLY A 322 -7.64 16.48 13.97
CA GLY A 322 -8.22 17.14 12.81
C GLY A 322 -7.90 16.53 11.45
N PHE A 323 -8.05 17.34 10.41
CA PHE A 323 -7.83 16.92 9.03
C PHE A 323 -7.61 18.17 8.18
N ARG A 324 -7.04 18.01 6.98
CA ARG A 324 -6.94 19.11 6.03
C ARG A 324 -7.60 18.71 4.73
N LEU A 325 -8.28 19.66 4.11
CA LEU A 325 -8.72 19.51 2.73
C LEU A 325 -7.54 19.75 1.78
N MSE A 326 -7.27 18.77 0.93
CA MSE A 326 -6.27 18.89 -0.14
C MSE A 326 -7.01 19.20 -1.42
O MSE A 326 -7.59 18.32 -2.03
CB MSE A 326 -5.47 17.58 -0.29
CG MSE A 326 -4.80 17.09 0.97
SE MSE A 326 -3.54 18.41 1.73
CE MSE A 326 -1.99 18.05 0.59
N LEU A 327 -6.97 20.47 -1.83
CA LEU A 327 -7.78 20.94 -2.93
C LEU A 327 -6.95 20.92 -4.20
N ARG A 328 -7.42 20.19 -5.21
CA ARG A 328 -6.64 19.94 -6.42
C ARG A 328 -7.46 20.14 -7.68
N ARG A 329 -6.87 19.83 -8.82
CA ARG A 329 -7.50 20.12 -10.10
C ARG A 329 -8.78 19.30 -10.37
N SER A 330 -8.88 18.12 -9.76
CA SER A 330 -10.02 17.25 -10.05
C SER A 330 -11.34 17.86 -9.58
N SER A 331 -11.26 18.88 -8.73
CA SER A 331 -12.45 19.64 -8.30
C SER A 331 -12.34 21.13 -8.62
N GLU A 332 -11.12 21.64 -8.72
CA GLU A 332 -10.91 23.06 -8.91
C GLU A 332 -10.57 23.49 -10.34
N GLY A 333 -10.17 22.54 -11.18
CA GLY A 333 -9.92 22.82 -12.58
C GLY A 333 -8.72 23.72 -12.81
N ARG B 63 -0.28 -24.27 14.02
CA ARG B 63 0.24 -23.11 14.75
C ARG B 63 0.53 -21.90 13.84
N THR B 64 1.81 -21.55 13.72
CA THR B 64 2.17 -20.26 13.12
C THR B 64 3.35 -20.27 12.13
N VAL B 65 3.36 -19.28 11.24
CA VAL B 65 4.47 -19.06 10.32
C VAL B 65 4.90 -17.58 10.31
N LEU B 66 6.20 -17.37 10.42
CA LEU B 66 6.77 -16.02 10.37
C LEU B 66 7.09 -15.65 8.94
N VAL B 67 6.68 -14.44 8.54
CA VAL B 67 6.94 -13.94 7.19
C VAL B 67 7.71 -12.62 7.24
N LEU B 68 8.92 -12.63 6.71
CA LEU B 68 9.75 -11.43 6.74
C LEU B 68 9.80 -10.79 5.35
N ILE B 69 9.53 -9.49 5.32
CA ILE B 69 9.48 -8.72 4.09
C ILE B 69 10.22 -7.41 4.31
N PRO B 70 10.79 -6.84 3.24
CA PRO B 70 11.66 -5.66 3.29
C PRO B 70 10.90 -4.36 3.52
N SER B 71 9.60 -4.35 3.25
CA SER B 71 8.82 -3.14 3.36
C SER B 71 7.33 -3.38 3.26
N LEU B 72 6.56 -2.53 3.94
CA LEU B 72 5.12 -2.49 3.76
C LEU B 72 4.72 -1.25 3.00
N ALA B 73 5.41 -0.14 3.27
CA ALA B 73 5.05 1.16 2.71
C ALA B 73 5.07 1.21 1.18
N ASN B 74 6.00 0.51 0.56
CA ASN B 74 6.07 0.51 -0.90
C ASN B 74 5.05 -0.41 -1.56
N THR B 75 4.26 -1.09 -0.74
CA THR B 75 3.14 -1.93 -1.19
C THR B 75 3.48 -3.12 -2.08
N VAL B 76 4.74 -3.26 -2.48
CA VAL B 76 5.12 -4.32 -3.40
C VAL B 76 4.78 -5.73 -2.88
N PHE B 77 4.82 -5.91 -1.57
CA PHE B 77 4.73 -7.25 -1.00
C PHE B 77 3.36 -7.61 -0.46
N LEU B 78 2.44 -6.66 -0.53
CA LEU B 78 1.09 -6.89 -0.01
C LEU B 78 0.39 -8.03 -0.76
N GLU B 79 0.62 -8.10 -2.07
CA GLU B 79 0.04 -9.19 -2.86
C GLU B 79 0.58 -10.51 -2.32
N THR B 80 1.86 -10.51 -1.95
CA THR B 80 2.52 -11.70 -1.44
C THR B 80 1.90 -12.13 -0.10
N LEU B 81 1.66 -11.15 0.78
CA LEU B 81 1.07 -11.43 2.07
C LEU B 81 -0.32 -12.02 1.90
N THR B 82 -1.12 -11.44 1.01
CA THR B 82 -2.44 -11.98 0.70
C THR B 82 -2.36 -13.39 0.14
N GLY B 83 -1.34 -13.66 -0.68
CA GLY B 83 -1.19 -14.97 -1.28
C GLY B 83 -0.88 -16.00 -0.22
N ILE B 84 0.12 -15.69 0.60
CA ILE B 84 0.49 -16.54 1.72
C ILE B 84 -0.75 -16.81 2.59
N GLU B 85 -1.37 -15.72 3.04
CA GLU B 85 -2.51 -15.81 3.95
C GLU B 85 -3.58 -16.78 3.47
N THR B 86 -3.87 -16.74 2.17
CA THR B 86 -4.85 -17.62 1.59
C THR B 86 -4.52 -19.08 1.88
N VAL B 87 -3.25 -19.43 1.70
CA VAL B 87 -2.82 -20.80 1.92
C VAL B 87 -2.83 -21.17 3.41
N LEU B 88 -2.46 -20.21 4.24
CA LEU B 88 -2.34 -20.44 5.68
C LEU B 88 -3.71 -20.55 6.35
N ASP B 89 -4.63 -19.66 6.01
CA ASP B 89 -5.99 -19.75 6.52
C ASP B 89 -6.45 -21.17 6.30
N ALA B 90 -6.28 -21.63 5.06
CA ALA B 90 -6.70 -22.96 4.68
C ALA B 90 -6.20 -23.98 5.68
N ALA B 91 -4.89 -24.08 5.80
CA ALA B 91 -4.28 -25.10 6.65
C ALA B 91 -4.35 -24.74 8.14
N GLY B 92 -5.18 -23.76 8.48
CA GLY B 92 -5.36 -23.36 9.86
C GLY B 92 -4.09 -22.95 10.57
N TYR B 93 -3.27 -22.12 9.90
CA TYR B 93 -2.07 -21.55 10.50
C TYR B 93 -2.25 -20.06 10.67
N GLN B 94 -1.58 -19.47 11.64
CA GLN B 94 -1.60 -18.02 11.79
C GLN B 94 -0.41 -17.40 11.08
N MSE B 95 -0.61 -16.23 10.48
CA MSE B 95 0.46 -15.56 9.77
C MSE B 95 1.05 -14.37 10.55
O MSE B 95 0.31 -13.46 10.94
CB MSE B 95 0.03 -15.12 8.38
CG MSE B 95 1.17 -14.52 7.57
SE MSE B 95 0.66 -13.84 5.82
CE MSE B 95 -0.26 -12.20 6.37
N LEU B 96 2.36 -14.39 10.77
CA LEU B 96 3.03 -13.35 11.51
C LEU B 96 3.92 -12.56 10.56
N ILE B 97 3.90 -11.24 10.69
CA ILE B 97 4.68 -10.38 9.80
C ILE B 97 5.81 -9.67 10.51
N GLY B 98 6.99 -9.74 9.92
CA GLY B 98 8.10 -8.90 10.33
C GLY B 98 8.53 -8.05 9.15
N ASN B 99 8.71 -6.75 9.39
CA ASN B 99 9.19 -5.81 8.36
C ASN B 99 10.62 -5.37 8.64
N SER B 100 11.53 -5.75 7.76
CA SER B 100 12.95 -5.47 7.99
C SER B 100 13.42 -4.10 7.48
N HIS B 101 12.56 -3.40 6.76
CA HIS B 101 12.94 -2.11 6.17
C HIS B 101 14.24 -2.23 5.38
N TYR B 102 14.35 -3.31 4.62
CA TYR B 102 15.49 -3.56 3.74
C TYR B 102 16.81 -3.57 4.50
N ASP B 103 16.75 -3.97 5.77
CA ASP B 103 17.92 -3.87 6.64
C ASP B 103 18.23 -5.21 7.30
N ALA B 104 19.27 -5.89 6.80
CA ALA B 104 19.69 -7.18 7.33
C ALA B 104 19.81 -7.15 8.85
N GLY B 105 20.28 -6.02 9.37
CA GLY B 105 20.42 -5.83 10.80
C GLY B 105 19.13 -6.07 11.53
N GLN B 106 18.05 -5.47 11.03
CA GLN B 106 16.74 -5.62 11.64
C GLN B 106 16.09 -6.97 11.32
N GLU B 107 16.41 -7.54 10.16
CA GLU B 107 15.85 -8.82 9.80
C GLU B 107 16.30 -9.87 10.81
N LEU B 108 17.58 -9.83 11.16
CA LEU B 108 18.14 -10.76 12.14
C LEU B 108 17.46 -10.57 13.49
N GLN B 109 17.35 -9.31 13.90
CA GLN B 109 16.74 -8.96 15.18
C GLN B 109 15.29 -9.41 15.24
N LEU B 110 14.61 -9.37 14.10
CA LEU B 110 13.23 -9.83 14.01
C LEU B 110 13.14 -11.34 14.13
N LEU B 111 14.03 -12.03 13.44
CA LEU B 111 14.08 -13.48 13.50
C LEU B 111 14.19 -13.96 14.95
N ARG B 112 15.24 -13.51 15.62
CA ARG B 112 15.48 -13.90 17.00
C ARG B 112 14.28 -13.57 17.89
N ALA B 113 13.70 -12.39 17.66
CA ALA B 113 12.57 -11.94 18.47
C ALA B 113 11.41 -12.94 18.44
N TYR B 114 11.06 -13.42 17.25
CA TYR B 114 9.95 -14.33 17.10
C TYR B 114 10.38 -15.76 17.41
N LEU B 115 11.68 -15.98 17.45
CA LEU B 115 12.22 -17.31 17.69
C LEU B 115 11.77 -17.82 19.05
N GLN B 116 11.69 -16.91 20.03
CA GLN B 116 11.22 -17.26 21.36
C GLN B 116 9.86 -17.96 21.35
N HIS B 117 9.01 -17.58 20.41
CA HIS B 117 7.69 -18.18 20.30
C HIS B 117 7.69 -19.23 19.21
N ARG B 118 8.88 -19.75 18.93
CA ARG B 118 9.11 -20.77 17.91
C ARG B 118 7.91 -21.12 17.04
N PRO B 119 7.91 -20.58 15.81
CA PRO B 119 6.96 -20.88 14.72
C PRO B 119 7.35 -22.16 14.00
N ASP B 120 6.42 -22.74 13.26
CA ASP B 120 6.66 -24.02 12.59
C ASP B 120 7.44 -23.86 11.30
N GLY B 121 7.47 -22.63 10.77
CA GLY B 121 8.16 -22.36 9.53
C GLY B 121 8.36 -20.88 9.27
N VAL B 122 9.31 -20.55 8.41
CA VAL B 122 9.59 -19.16 8.09
C VAL B 122 9.56 -18.93 6.58
N LEU B 123 8.85 -17.88 6.16
CA LEU B 123 8.93 -17.40 4.78
C LEU B 123 9.77 -16.13 4.71
N ILE B 124 10.77 -16.15 3.85
CA ILE B 124 11.83 -15.13 3.84
C ILE B 124 11.93 -14.45 2.48
N THR B 125 12.17 -13.15 2.47
CA THR B 125 12.31 -12.43 1.20
C THR B 125 13.76 -12.23 0.84
N GLY B 126 14.15 -12.72 -0.34
CA GLY B 126 15.49 -12.49 -0.85
C GLY B 126 16.48 -13.57 -0.46
N LEU B 127 17.73 -13.40 -0.89
CA LEU B 127 18.73 -14.44 -0.71
C LEU B 127 19.91 -14.01 0.14
N SER B 128 20.08 -12.70 0.31
CA SER B 128 21.18 -12.19 1.12
C SER B 128 20.69 -11.74 2.51
N HIS B 129 21.44 -12.11 3.53
CA HIS B 129 21.06 -11.81 4.90
C HIS B 129 22.31 -11.71 5.79
N ALA B 130 22.11 -11.39 7.07
CA ALA B 130 23.22 -11.32 8.03
C ALA B 130 24.01 -12.63 8.07
N GLU B 131 25.28 -12.52 8.47
CA GLU B 131 26.19 -13.66 8.52
C GLU B 131 25.60 -14.90 9.22
N PRO B 132 25.14 -14.74 10.47
CA PRO B 132 24.69 -15.90 11.26
C PRO B 132 23.29 -16.35 10.88
N PHE B 133 22.57 -15.48 10.17
CA PHE B 133 21.16 -15.70 9.86
C PHE B 133 20.82 -17.12 9.42
N GLU B 134 21.52 -17.61 8.42
CA GLU B 134 21.16 -18.91 7.83
C GLU B 134 21.45 -20.07 8.78
N ARG B 135 22.41 -19.86 9.68
CA ARG B 135 22.80 -20.88 10.65
C ARG B 135 21.83 -20.94 11.82
N ILE B 136 21.23 -19.80 12.15
CA ILE B 136 20.27 -19.72 13.24
C ILE B 136 19.01 -20.53 12.89
N LEU B 137 18.69 -20.56 11.61
CA LEU B 137 17.56 -21.34 11.10
C LEU B 137 17.81 -22.83 11.22
N SER B 138 19.03 -23.25 10.89
CA SER B 138 19.44 -24.64 11.07
C SER B 138 19.35 -25.00 12.55
N GLN B 139 19.88 -24.11 13.38
CA GLN B 139 19.98 -24.28 14.82
C GLN B 139 18.64 -24.58 15.52
N HIS B 140 17.55 -24.01 15.01
CA HIS B 140 16.22 -24.28 15.57
C HIS B 140 15.40 -25.20 14.67
N ALA B 141 16.09 -25.93 13.79
CA ALA B 141 15.43 -26.83 12.84
C ALA B 141 14.19 -26.22 12.23
N LEU B 142 14.32 -24.99 11.72
CA LEU B 142 13.21 -24.29 11.09
C LEU B 142 13.19 -24.47 9.57
N PRO B 143 12.10 -25.04 9.05
CA PRO B 143 11.94 -25.09 7.60
C PRO B 143 11.74 -23.67 7.06
N VAL B 144 12.35 -23.37 5.93
CA VAL B 144 12.29 -22.02 5.36
C VAL B 144 12.15 -22.11 3.85
N VAL B 145 11.38 -21.17 3.29
CA VAL B 145 11.32 -20.99 1.84
C VAL B 145 11.68 -19.55 1.47
N TYR B 146 12.44 -19.38 0.41
CA TYR B 146 12.91 -18.07 0.00
C TYR B 146 12.07 -17.52 -1.15
N MSE B 147 11.80 -16.22 -1.12
CA MSE B 147 10.86 -15.64 -2.09
C MSE B 147 11.49 -14.55 -2.96
O MSE B 147 12.39 -13.82 -2.52
CB MSE B 147 9.64 -15.07 -1.35
CG MSE B 147 8.82 -16.12 -0.63
SE MSE B 147 7.24 -15.37 0.25
CE MSE B 147 8.13 -14.14 1.48
N MSE B 148 11.00 -14.46 -4.20
CA MSE B 148 11.45 -13.49 -5.22
C MSE B 148 12.66 -13.95 -6.02
O MSE B 148 12.62 -14.01 -7.25
CB MSE B 148 11.70 -12.10 -4.61
CG MSE B 148 10.52 -11.54 -3.83
SE MSE B 148 8.97 -11.05 -4.95
CE MSE B 148 7.52 -11.36 -3.67
N ASP B 149 13.74 -14.29 -5.33
CA ASP B 149 14.98 -14.64 -6.01
C ASP B 149 15.24 -16.14 -6.09
N LEU B 150 15.78 -16.56 -7.22
CA LEU B 150 16.07 -17.96 -7.44
C LEU B 150 17.51 -18.27 -7.04
N ALA B 151 17.68 -19.25 -6.16
CA ALA B 151 18.99 -19.66 -5.70
C ALA B 151 19.44 -20.88 -6.48
N ASP B 152 20.73 -21.19 -6.42
CA ASP B 152 21.26 -22.35 -7.14
C ASP B 152 21.71 -23.43 -6.17
N ASP B 153 21.80 -23.05 -4.89
CA ASP B 153 22.43 -23.88 -3.87
C ASP B 153 21.45 -24.79 -3.14
N GLY B 154 20.36 -25.16 -3.80
CA GLY B 154 19.41 -26.10 -3.22
C GLY B 154 18.44 -25.53 -2.21
N ARG B 155 18.56 -24.24 -1.90
CA ARG B 155 17.58 -23.57 -1.05
C ARG B 155 16.22 -23.56 -1.73
N CYS B 156 15.18 -23.95 -0.99
CA CYS B 156 13.84 -24.00 -1.53
C CYS B 156 13.34 -22.56 -1.76
N CYS B 157 12.92 -22.26 -2.98
CA CYS B 157 12.59 -20.88 -3.31
C CYS B 157 11.57 -20.75 -4.43
N VAL B 158 10.87 -19.62 -4.41
CA VAL B 158 9.88 -19.29 -5.43
C VAL B 158 10.15 -17.84 -5.90
N GLY B 159 10.29 -17.65 -7.21
CA GLY B 159 10.57 -16.32 -7.72
C GLY B 159 10.61 -16.23 -9.23
N PHE B 160 11.53 -15.42 -9.73
CA PHE B 160 11.65 -15.17 -11.16
C PHE B 160 12.96 -14.43 -11.41
N SER B 161 13.32 -14.29 -12.67
CA SER B 161 14.58 -13.64 -13.04
C SER B 161 14.43 -12.12 -13.13
N GLN B 162 15.03 -11.41 -12.18
CA GLN B 162 15.10 -9.95 -12.21
C GLN B 162 15.86 -9.45 -13.44
N GLU B 163 16.98 -10.08 -13.72
CA GLU B 163 17.80 -9.71 -14.89
C GLU B 163 17.04 -9.85 -16.23
N ASP B 164 16.38 -10.99 -16.45
CA ASP B 164 15.60 -11.20 -17.68
C ASP B 164 14.51 -10.13 -17.78
N ALA B 165 13.89 -9.84 -16.64
CA ALA B 165 12.84 -8.82 -16.56
C ALA B 165 13.32 -7.41 -16.97
N GLY B 166 14.42 -6.96 -16.39
CA GLY B 166 15.01 -5.69 -16.77
C GLY B 166 15.41 -5.61 -18.23
N ALA B 167 15.97 -6.69 -18.75
CA ALA B 167 16.34 -6.77 -20.16
C ALA B 167 15.12 -6.72 -21.09
N ALA B 168 14.08 -7.48 -20.73
CA ALA B 168 12.92 -7.55 -21.60
C ALA B 168 12.22 -6.20 -21.72
N ILE B 169 12.09 -5.48 -20.63
CA ILE B 169 11.42 -4.18 -20.69
C ILE B 169 12.28 -3.16 -21.44
N THR B 170 13.60 -3.24 -21.31
CA THR B 170 14.47 -2.33 -22.02
C THR B 170 14.47 -2.64 -23.50
N ARG B 171 14.56 -3.93 -23.83
CA ARG B 171 14.49 -4.42 -25.21
C ARG B 171 13.21 -3.94 -25.86
N HIS B 172 12.13 -3.93 -25.09
CA HIS B 172 10.87 -3.42 -25.61
C HIS B 172 10.92 -1.91 -25.90
N LEU B 173 11.54 -1.14 -25.02
CA LEU B 173 11.69 0.29 -25.27
C LEU B 173 12.54 0.53 -26.51
N LEU B 174 13.58 -0.28 -26.69
CA LEU B 174 14.37 -0.22 -27.92
C LEU B 174 13.52 -0.55 -29.14
N SER B 175 12.67 -1.57 -29.02
CA SER B 175 11.86 -1.98 -30.17
C SER B 175 10.91 -0.87 -30.61
N ARG B 176 10.66 0.09 -29.71
CA ARG B 176 9.81 1.23 -30.05
C ARG B 176 10.56 2.40 -30.67
N GLY B 177 11.86 2.23 -30.90
CA GLY B 177 12.64 3.24 -31.56
C GLY B 177 13.31 4.21 -30.60
N LYS B 178 13.23 3.90 -29.31
CA LYS B 178 13.88 4.75 -28.32
C LYS B 178 15.36 4.41 -28.28
N ARG B 179 16.20 5.45 -28.20
CA ARG B 179 17.65 5.28 -28.33
C ARG B 179 18.41 5.90 -27.20
N ARG B 180 17.73 6.73 -26.41
CA ARG B 180 18.35 7.39 -25.26
C ARG B 180 17.54 7.09 -24.00
N ILE B 181 17.75 5.90 -23.46
CA ILE B 181 16.87 5.30 -22.46
C ILE B 181 17.50 5.34 -21.09
N GLY B 182 16.85 6.05 -20.18
CA GLY B 182 17.39 6.21 -18.84
C GLY B 182 16.92 5.15 -17.86
N PHE B 183 17.62 5.05 -16.73
CA PHE B 183 17.19 4.19 -15.64
C PHE B 183 17.08 5.05 -14.40
N LEU B 184 15.94 4.98 -13.73
CA LEU B 184 15.76 5.59 -12.41
C LEU B 184 15.75 4.49 -11.35
N GLY B 185 16.72 4.53 -10.44
CA GLY B 185 16.75 3.58 -9.35
C GLY B 185 16.72 4.23 -7.98
N ALA B 186 15.96 3.63 -7.07
CA ALA B 186 15.95 4.07 -5.69
C ALA B 186 16.10 2.85 -4.77
N GLN B 187 16.43 3.11 -3.51
CA GLN B 187 16.62 2.05 -2.51
C GLN B 187 17.85 1.21 -2.79
N LEU B 188 17.98 0.74 -4.03
CA LEU B 188 19.20 0.11 -4.50
C LEU B 188 19.48 -1.24 -3.82
N ASP B 189 18.43 -1.90 -3.34
CA ASP B 189 18.58 -3.23 -2.79
C ASP B 189 19.06 -4.18 -3.88
N GLU B 190 19.34 -5.42 -3.48
CA GLU B 190 19.88 -6.44 -4.37
C GLU B 190 19.11 -6.57 -5.70
N ARG B 191 17.78 -6.69 -5.61
CA ARG B 191 16.97 -6.94 -6.80
C ARG B 191 16.90 -5.76 -7.77
N VAL B 192 16.97 -4.54 -7.24
CA VAL B 192 17.02 -3.35 -8.08
C VAL B 192 18.27 -3.38 -8.95
N MSE B 193 19.39 -3.74 -8.35
CA MSE B 193 20.65 -3.86 -9.10
C MSE B 193 20.60 -4.94 -10.20
O MSE B 193 21.16 -4.75 -11.29
CB MSE B 193 21.83 -4.09 -8.15
CG MSE B 193 22.05 -2.94 -7.14
SE MSE B 193 21.94 -1.15 -7.97
CE MSE B 193 22.68 -0.07 -6.53
N LYS B 194 19.94 -6.06 -9.94
CA LYS B 194 19.84 -7.11 -10.95
C LYS B 194 18.97 -6.62 -12.12
N ARG B 195 17.95 -5.86 -11.78
CA ARG B 195 17.06 -5.22 -12.74
C ARG B 195 17.89 -4.31 -13.64
N LEU B 196 18.74 -3.50 -13.01
CA LEU B 196 19.69 -2.65 -13.70
C LEU B 196 20.66 -3.42 -14.60
N ASP B 197 21.18 -4.55 -14.11
CA ASP B 197 22.09 -5.36 -14.90
C ASP B 197 21.46 -5.76 -16.24
N GLY B 198 20.18 -6.15 -16.18
CA GLY B 198 19.47 -6.57 -17.37
C GLY B 198 19.23 -5.43 -18.35
N TYR B 199 18.96 -4.25 -17.80
CA TYR B 199 18.84 -3.02 -18.57
C TYR B 199 20.18 -2.70 -19.25
N ARG B 200 21.27 -2.85 -18.52
CA ARG B 200 22.59 -2.62 -19.08
C ARG B 200 22.86 -3.58 -20.24
N ALA B 201 22.54 -4.86 -20.03
CA ALA B 201 22.80 -5.88 -21.04
C ALA B 201 21.98 -5.61 -22.29
N ALA B 202 20.72 -5.22 -22.10
CA ALA B 202 19.90 -4.88 -23.27
C ALA B 202 20.54 -3.74 -24.06
N LEU B 203 21.00 -2.71 -23.37
CA LEU B 203 21.59 -1.55 -24.05
C LEU B 203 22.93 -1.92 -24.69
N ASP B 204 23.72 -2.72 -23.98
CA ASP B 204 24.99 -3.22 -24.52
C ASP B 204 24.79 -3.89 -25.88
N ALA B 205 23.85 -4.84 -25.93
CA ALA B 205 23.57 -5.58 -27.15
C ALA B 205 23.17 -4.66 -28.29
N ALA B 206 22.62 -3.51 -27.94
CA ALA B 206 22.14 -2.58 -28.96
C ALA B 206 23.09 -1.39 -29.14
N ASP B 207 24.21 -1.42 -28.41
CA ASP B 207 25.18 -0.32 -28.43
C ASP B 207 24.51 1.02 -28.10
N CYS B 208 23.92 1.10 -26.92
CA CYS B 208 23.20 2.28 -26.51
C CYS B 208 23.49 2.63 -25.05
N ARG B 209 24.54 2.05 -24.48
CA ARG B 209 24.85 2.36 -23.09
C ARG B 209 25.40 3.77 -22.93
N ASP B 210 25.05 4.38 -21.80
CA ASP B 210 25.37 5.76 -21.51
C ASP B 210 25.16 5.87 -20.01
N ALA B 211 26.26 5.78 -19.26
CA ALA B 211 26.18 5.89 -17.81
C ALA B 211 25.61 7.24 -17.40
N GLY B 212 25.73 8.24 -18.26
CA GLY B 212 25.16 9.55 -17.98
C GLY B 212 23.65 9.48 -17.86
N LEU B 213 23.05 8.40 -18.37
CA LEU B 213 21.61 8.23 -18.32
C LEU B 213 21.16 7.31 -17.18
N GLU B 214 22.06 7.05 -16.22
CA GLU B 214 21.73 6.25 -15.05
C GLU B 214 21.70 7.12 -13.79
N TRP B 215 20.54 7.21 -13.15
CA TRP B 215 20.40 7.95 -11.91
C TRP B 215 20.09 6.96 -10.79
N LEU B 216 21.01 6.82 -9.85
CA LEU B 216 20.82 5.89 -8.75
C LEU B 216 20.81 6.68 -7.44
N ASP B 217 19.77 6.49 -6.63
CA ASP B 217 19.67 7.19 -5.36
C ASP B 217 19.34 6.19 -4.26
N PRO B 218 20.16 6.18 -3.20
CA PRO B 218 20.04 5.23 -2.08
C PRO B 218 18.83 5.50 -1.17
N GLN B 219 18.12 6.61 -1.36
CA GLN B 219 16.95 6.88 -0.53
C GLN B 219 15.85 5.89 -0.86
N PRO B 220 14.92 5.67 0.08
CA PRO B 220 13.75 4.84 -0.22
C PRO B 220 12.94 5.46 -1.35
N SER B 221 12.26 4.63 -2.12
CA SER B 221 11.52 5.12 -3.27
C SER B 221 10.15 5.70 -2.88
N SER B 222 9.62 6.55 -3.75
CA SER B 222 8.26 7.07 -3.61
C SER B 222 7.87 7.75 -4.91
N MSE B 223 6.59 8.11 -5.03
CA MSE B 223 6.11 8.85 -6.19
C MSE B 223 6.73 10.27 -6.26
O MSE B 223 7.11 10.72 -7.35
CB MSE B 223 4.57 8.91 -6.21
CG MSE B 223 3.87 7.50 -6.37
SE MSE B 223 2.06 7.49 -6.16
CE MSE B 223 1.75 5.70 -6.32
N GLN B 224 6.87 10.96 -5.12
CA GLN B 224 7.51 12.28 -5.11
C GLN B 224 8.94 12.19 -5.66
N MSE B 225 9.68 11.23 -5.14
CA MSE B 225 10.99 10.87 -5.64
C MSE B 225 11.03 10.69 -7.14
O MSE B 225 11.94 11.16 -7.83
CB MSE B 225 11.43 9.57 -4.99
CG MSE B 225 11.99 9.73 -3.61
SE MSE B 225 13.92 9.67 -3.75
CE MSE B 225 14.04 7.86 -4.37
N GLY B 226 10.02 10.00 -7.66
CA GLY B 226 9.94 9.77 -9.09
C GLY B 226 9.81 11.08 -9.85
N ALA B 227 9.08 12.03 -9.28
CA ALA B 227 8.86 13.31 -9.94
C ALA B 227 10.15 14.10 -9.94
N ASP B 228 10.82 14.10 -8.79
CA ASP B 228 12.10 14.80 -8.63
C ASP B 228 13.19 14.20 -9.52
N MSE B 229 13.18 12.89 -9.71
CA MSE B 229 14.25 12.28 -10.48
C MSE B 229 14.00 12.54 -11.97
O MSE B 229 14.95 12.70 -12.74
CB MSE B 229 14.35 10.78 -10.21
CG MSE B 229 14.76 10.48 -8.77
SE MSE B 229 15.01 8.56 -8.45
CE MSE B 229 16.82 8.38 -9.19
N LEU B 230 12.73 12.59 -12.34
CA LEU B 230 12.34 13.00 -13.69
C LEU B 230 12.84 14.43 -13.97
N ASP B 231 12.52 15.37 -13.07
CA ASP B 231 13.00 16.74 -13.18
C ASP B 231 14.50 16.83 -13.40
N ARG B 232 15.24 16.19 -12.50
CA ARG B 232 16.69 16.19 -12.58
C ARG B 232 17.20 15.58 -13.89
N ALA B 233 16.57 14.47 -14.30
CA ALA B 233 16.99 13.78 -15.51
C ALA B 233 16.83 14.66 -16.75
N LEU B 234 15.69 15.31 -16.88
CA LEU B 234 15.46 16.16 -18.04
C LEU B 234 16.22 17.50 -17.97
N ALA B 235 16.57 17.94 -16.77
CA ALA B 235 17.45 19.11 -16.65
C ALA B 235 18.84 18.77 -17.18
N GLU B 236 19.36 17.62 -16.74
CA GLU B 236 20.72 17.21 -17.09
C GLU B 236 20.86 16.68 -18.51
N ARG B 237 19.82 15.98 -18.96
CA ARG B 237 19.86 15.25 -20.22
C ARG B 237 18.50 15.29 -20.93
N PRO B 238 18.08 16.49 -21.37
CA PRO B 238 16.78 16.63 -22.07
C PRO B 238 16.68 15.71 -23.29
N ASP B 239 17.82 15.25 -23.80
CA ASP B 239 17.84 14.35 -24.95
C ASP B 239 17.34 12.92 -24.61
N CYS B 240 17.25 12.60 -23.32
CA CYS B 240 16.67 11.34 -22.88
C CYS B 240 15.28 11.17 -23.51
N ASP B 241 15.01 10.03 -24.14
CA ASP B 241 13.71 9.82 -24.80
C ASP B 241 12.87 8.71 -24.15
N ALA B 242 13.39 8.08 -23.10
CA ALA B 242 12.60 7.08 -22.37
C ALA B 242 13.19 6.81 -21.00
N LEU B 243 12.35 6.39 -20.06
CA LEU B 243 12.81 6.08 -18.73
C LEU B 243 12.29 4.74 -18.26
N PHE B 244 13.20 3.87 -17.84
CA PHE B 244 12.86 2.64 -17.16
C PHE B 244 13.07 2.87 -15.66
N CYS B 245 11.96 2.92 -14.92
CA CYS B 245 12.01 3.20 -13.48
C CYS B 245 11.93 1.89 -12.74
N CYS B 246 12.67 1.79 -11.65
CA CYS B 246 12.93 0.47 -11.05
C CYS B 246 11.77 -0.03 -10.21
N ASN B 247 10.72 0.78 -10.10
CA ASN B 247 9.51 0.43 -9.34
C ASN B 247 8.37 1.33 -9.78
N ASP B 248 7.15 0.84 -9.59
CA ASP B 248 6.01 1.58 -10.08
C ASP B 248 5.79 2.92 -9.35
N ASP B 249 6.15 3.02 -8.07
CA ASP B 249 5.99 4.32 -7.40
C ASP B 249 6.84 5.40 -8.07
N LEU B 250 8.10 5.09 -8.36
CA LEU B 250 8.95 6.02 -9.11
C LEU B 250 8.31 6.38 -10.44
N ALA B 251 7.89 5.35 -11.17
CA ALA B 251 7.36 5.53 -12.52
C ALA B 251 6.05 6.31 -12.54
N ILE B 252 5.19 6.06 -11.57
CA ILE B 252 3.94 6.80 -11.47
C ILE B 252 4.19 8.29 -11.14
N GLY B 253 5.15 8.55 -10.26
CA GLY B 253 5.53 9.92 -9.95
C GLY B 253 6.03 10.62 -11.20
N ALA B 254 6.88 9.93 -11.97
CA ALA B 254 7.47 10.51 -13.17
C ALA B 254 6.46 10.71 -14.29
N LEU B 255 5.55 9.74 -14.43
CA LEU B 255 4.53 9.85 -15.44
C LEU B 255 3.63 11.05 -15.15
N ALA B 256 3.17 11.14 -13.91
CA ALA B 256 2.27 12.22 -13.52
C ALA B 256 2.95 13.59 -13.57
N ARG B 257 4.21 13.65 -13.15
CA ARG B 257 4.96 14.90 -13.25
C ARG B 257 5.04 15.33 -14.70
N SER B 258 5.34 14.37 -15.58
CA SER B 258 5.48 14.69 -16.99
C SER B 258 4.19 15.30 -17.53
N GLN B 259 3.05 14.80 -17.04
CA GLN B 259 1.74 15.31 -17.43
C GLN B 259 1.47 16.73 -16.88
N GLN B 260 1.96 17.02 -15.67
CA GLN B 260 1.89 18.37 -15.13
C GLN B 260 2.68 19.31 -16.05
N LEU B 261 3.78 18.80 -16.60
CA LEU B 261 4.66 19.57 -17.48
C LEU B 261 4.16 19.62 -18.92
N GLY B 262 3.07 18.88 -19.19
CA GLY B 262 2.48 18.89 -20.52
C GLY B 262 3.34 18.16 -21.54
N ILE B 263 4.27 17.35 -21.05
CA ILE B 263 5.13 16.54 -21.91
C ILE B 263 4.32 15.48 -22.69
N ALA B 264 4.67 15.28 -23.97
CA ALA B 264 3.97 14.31 -24.81
C ALA B 264 4.50 12.91 -24.53
N VAL B 265 3.71 12.12 -23.83
CA VAL B 265 4.07 10.72 -23.56
C VAL B 265 3.17 9.83 -24.43
N PRO B 266 3.76 8.90 -25.20
CA PRO B 266 5.17 8.48 -25.28
C PRO B 266 6.02 9.16 -26.34
N GLU B 267 5.44 10.06 -27.13
CA GLU B 267 6.17 10.64 -28.27
C GLU B 267 7.52 11.22 -27.87
N ARG B 268 7.52 12.11 -26.87
CA ARG B 268 8.75 12.78 -26.48
C ARG B 268 9.44 12.00 -25.39
N LEU B 269 8.64 11.32 -24.57
CA LEU B 269 9.19 10.53 -23.49
C LEU B 269 8.31 9.33 -23.22
N ALA B 270 8.89 8.13 -23.30
CA ALA B 270 8.22 6.89 -22.92
C ALA B 270 8.58 6.54 -21.48
N ILE B 271 7.61 6.06 -20.72
CA ILE B 271 7.86 5.67 -19.33
C ILE B 271 7.39 4.23 -19.07
N ALA B 272 8.21 3.48 -18.33
CA ALA B 272 7.85 2.14 -17.90
C ALA B 272 8.34 1.96 -16.47
N GLY B 273 7.55 1.26 -15.67
CA GLY B 273 7.90 0.96 -14.30
C GLY B 273 8.17 -0.53 -14.09
N PHE B 274 7.96 -1.01 -12.87
CA PHE B 274 8.22 -2.41 -12.55
C PHE B 274 7.22 -2.89 -11.49
N ASN B 275 6.69 -4.10 -11.68
CA ASN B 275 5.91 -4.86 -10.69
C ASN B 275 4.42 -4.95 -10.99
N ASP B 276 3.91 -3.89 -11.61
CA ASP B 276 2.48 -3.77 -11.90
C ASP B 276 1.61 -3.62 -10.64
N LEU B 277 1.94 -2.62 -9.82
CA LEU B 277 1.15 -2.27 -8.66
C LEU B 277 -0.21 -1.76 -9.12
N GLN B 278 -1.23 -1.86 -8.26
CA GLN B 278 -2.60 -1.48 -8.65
C GLN B 278 -2.70 -0.17 -9.45
N PRO B 279 -2.09 0.93 -8.98
CA PRO B 279 -2.32 2.21 -9.65
C PRO B 279 -1.71 2.31 -11.04
N ALA B 280 -0.78 1.43 -11.39
CA ALA B 280 -0.14 1.48 -12.70
C ALA B 280 -1.16 1.56 -13.84
N ALA B 281 -2.10 0.62 -13.84
CA ALA B 281 -3.05 0.46 -14.93
C ALA B 281 -4.09 1.57 -14.93
N TRP B 282 -4.26 2.20 -13.77
CA TRP B 282 -5.26 3.24 -13.63
C TRP B 282 -4.71 4.63 -13.91
N CYS B 283 -3.44 4.70 -14.30
CA CYS B 283 -2.84 5.97 -14.67
C CYS B 283 -3.48 6.50 -15.95
N THR B 284 -3.48 7.82 -16.09
CA THR B 284 -3.87 8.47 -17.32
C THR B 284 -2.66 9.24 -17.81
N PRO B 285 -1.99 8.75 -18.87
CA PRO B 285 -2.29 7.50 -19.61
C PRO B 285 -1.85 6.29 -18.81
N PRO B 286 -2.38 5.08 -19.13
CA PRO B 286 -1.97 3.87 -18.42
C PRO B 286 -0.44 3.62 -18.46
N LEU B 287 0.08 3.08 -17.36
CA LEU B 287 1.52 2.91 -17.20
C LEU B 287 2.04 1.53 -17.64
N THR B 288 2.91 1.55 -18.65
CA THR B 288 3.63 0.36 -19.08
C THR B 288 4.55 -0.05 -17.97
N THR B 289 4.61 -1.36 -17.72
CA THR B 289 5.37 -1.88 -16.59
C THR B 289 5.63 -3.39 -16.72
N VAL B 290 6.15 -3.99 -15.65
CA VAL B 290 6.38 -5.43 -15.62
C VAL B 290 5.59 -6.12 -14.51
N ALA B 291 4.59 -6.91 -14.88
CA ALA B 291 3.85 -7.69 -13.90
C ALA B 291 4.72 -8.79 -13.32
N THR B 292 4.97 -8.71 -12.01
CA THR B 292 5.70 -9.72 -11.28
C THR B 292 4.66 -10.48 -10.47
N PRO B 293 4.76 -11.83 -10.46
CA PRO B 293 3.69 -12.70 -9.93
C PRO B 293 3.72 -12.75 -8.40
N ARG B 294 3.60 -11.61 -7.76
CA ARG B 294 3.85 -11.50 -6.34
C ARG B 294 2.85 -12.27 -5.47
N ARG B 295 1.58 -12.32 -5.88
CA ARG B 295 0.62 -13.12 -5.12
C ARG B 295 0.92 -14.62 -5.25
N ASP B 296 1.12 -15.08 -6.48
CA ASP B 296 1.37 -16.49 -6.73
C ASP B 296 2.65 -16.93 -6.01
N ILE B 297 3.65 -16.07 -6.03
CA ILE B 297 4.87 -16.34 -5.31
C ILE B 297 4.50 -16.66 -3.85
N GLY B 298 3.62 -15.85 -3.28
CA GLY B 298 3.18 -16.06 -1.91
C GLY B 298 2.43 -17.37 -1.75
N VAL B 299 1.59 -17.68 -2.74
CA VAL B 299 0.80 -18.90 -2.71
C VAL B 299 1.64 -20.16 -2.83
N HIS B 300 2.65 -20.12 -3.70
CA HIS B 300 3.52 -21.27 -3.91
C HIS B 300 4.48 -21.46 -2.75
N ALA B 301 5.07 -20.35 -2.30
CA ALA B 301 6.01 -20.39 -1.19
C ALA B 301 5.35 -20.99 0.04
N ALA B 302 4.15 -20.53 0.36
CA ALA B 302 3.42 -21.03 1.54
C ALA B 302 3.03 -22.49 1.36
N LYS B 303 2.63 -22.84 0.14
CA LYS B 303 2.33 -24.22 -0.19
C LYS B 303 3.56 -25.07 0.11
N ALA B 304 4.70 -24.67 -0.45
CA ALA B 304 5.94 -25.42 -0.28
C ALA B 304 6.34 -25.55 1.18
N LEU B 305 6.21 -24.45 1.93
CA LEU B 305 6.63 -24.43 3.32
C LEU B 305 5.83 -25.40 4.19
N LEU B 306 4.53 -25.53 3.90
CA LEU B 306 3.67 -26.44 4.65
C LEU B 306 4.10 -27.89 4.43
N GLN B 307 4.57 -28.19 3.23
CA GLN B 307 5.04 -29.52 2.93
C GLN B 307 6.33 -29.84 3.67
N LEU B 308 7.19 -28.84 3.81
CA LEU B 308 8.44 -29.04 4.53
C LEU B 308 8.18 -29.32 6.00
N ILE B 309 7.22 -28.63 6.60
CA ILE B 309 6.97 -28.84 8.02
C ILE B 309 6.29 -30.19 8.27
N ASP B 310 5.73 -30.79 7.22
CA ASP B 310 5.15 -32.13 7.30
C ASP B 310 6.09 -33.20 6.77
N GLY B 311 7.38 -32.87 6.68
CA GLY B 311 8.38 -33.81 6.23
C GLY B 311 8.30 -34.19 4.76
N GLU B 312 7.46 -33.50 4.01
CA GLU B 312 7.32 -33.78 2.59
C GLU B 312 8.28 -32.98 1.71
N GLU B 313 8.20 -33.24 0.41
CA GLU B 313 9.07 -32.60 -0.56
C GLU B 313 8.20 -31.76 -1.49
N PRO B 314 8.55 -30.46 -1.65
CA PRO B 314 7.85 -29.62 -2.62
C PRO B 314 8.05 -30.14 -4.05
N ALA B 315 7.04 -30.03 -4.89
CA ALA B 315 7.13 -30.50 -6.28
C ALA B 315 8.29 -29.86 -7.02
N SER B 316 8.67 -28.67 -6.57
CA SER B 316 9.89 -28.01 -7.04
C SER B 316 10.52 -27.30 -5.85
N ARG B 317 11.85 -27.18 -5.87
CA ARG B 317 12.54 -26.45 -4.82
C ARG B 317 13.08 -25.15 -5.38
N ARG B 318 12.88 -24.98 -6.68
CA ARG B 318 13.29 -23.79 -7.40
C ARG B 318 12.20 -23.45 -8.41
N ALA B 319 11.18 -22.74 -7.94
CA ALA B 319 10.02 -22.44 -8.79
C ALA B 319 10.15 -21.08 -9.50
N ASP B 320 10.39 -21.12 -10.81
CA ASP B 320 10.46 -19.90 -11.60
C ASP B 320 9.09 -19.60 -12.19
N LEU B 321 8.44 -18.58 -11.65
CA LEU B 321 7.09 -18.23 -12.06
C LEU B 321 7.08 -17.17 -13.16
N GLY B 322 8.27 -16.79 -13.61
CA GLY B 322 8.42 -15.79 -14.66
C GLY B 322 7.83 -14.41 -14.36
N PHE B 323 7.68 -13.60 -15.41
CA PHE B 323 7.12 -12.26 -15.30
C PHE B 323 6.38 -12.00 -16.59
N ARG B 324 5.62 -10.91 -16.65
CA ARG B 324 4.97 -10.56 -17.89
C ARG B 324 4.91 -9.04 -18.08
N LEU B 325 5.50 -8.57 -19.17
CA LEU B 325 5.40 -7.18 -19.60
C LEU B 325 3.93 -6.78 -19.73
N MSE B 326 3.59 -5.62 -19.15
CA MSE B 326 2.30 -4.99 -19.41
C MSE B 326 2.49 -3.79 -20.34
O MSE B 326 2.95 -2.72 -19.93
CB MSE B 326 1.62 -4.57 -18.10
CG MSE B 326 1.37 -5.69 -17.08
SE MSE B 326 0.21 -7.17 -17.74
CE MSE B 326 1.59 -8.40 -18.20
N LEU B 327 2.15 -3.98 -21.61
CA LEU B 327 2.38 -2.94 -22.61
C LEU B 327 1.21 -1.98 -22.64
N ARG B 328 1.43 -0.75 -22.20
CA ARG B 328 0.34 0.21 -22.16
C ARG B 328 0.69 1.50 -22.89
N ARG B 329 -0.23 2.45 -22.84
CA ARG B 329 -0.11 3.68 -23.61
C ARG B 329 1.16 4.49 -23.33
N SER B 330 1.61 4.50 -22.08
CA SER B 330 2.78 5.30 -21.68
C SER B 330 4.06 4.87 -22.40
N SER B 331 3.97 3.85 -23.24
CA SER B 331 5.08 3.49 -24.11
C SER B 331 4.58 3.12 -25.51
N GLU B 332 3.29 2.84 -25.64
CA GLU B 332 2.72 2.40 -26.93
C GLU B 332 1.94 3.50 -27.65
N GLY B 333 1.55 4.54 -26.92
CA GLY B 333 0.76 5.62 -27.53
C GLY B 333 -0.67 5.17 -27.77
S SO4 C . -6.53 -6.80 3.33
O1 SO4 C . -6.27 -7.82 2.36
O2 SO4 C . -6.97 -5.73 2.58
O3 SO4 C . -7.58 -7.09 4.23
O4 SO4 C . -5.34 -6.45 3.98
S SO4 D . 8.25 0.55 5.21
O1 SO4 D . 7.19 -0.32 5.45
O2 SO4 D . 8.26 1.01 3.91
O3 SO4 D . 8.13 1.60 6.15
O4 SO4 D . 9.49 -0.11 5.32
#